data_4LGU
#
_entry.id   4LGU
#
_cell.length_a   31.103
_cell.length_b   68.052
_cell.length_c   122.027
_cell.angle_alpha   90.00
_cell.angle_beta   90.00
_cell.angle_gamma   90.00
#
_symmetry.space_group_name_H-M   'P 21 21 21'
#
loop_
_entity.id
_entity.type
_entity.pdbx_description
1 polymer 'Baculoviral IAP repeat-containing protein 2'
2 non-polymer 'ZINC ION'
3 non-polymer (3S,8aR)-N-((R)-chroman-4-yl)-2-((S)-2-cyclohexyl-2-((S)-2-(methylamino)propanamido)acetyl)octahydropyrrolo[1,2-a]pyrazine-3-carboxamide
4 water water
#
_entity_poly.entity_id   1
_entity_poly.type   'polypeptide(L)'
_entity_poly.pdbx_seq_one_letter_code
;MGSSHHHHHHSSGENLYFQGGSSISNLSMQTHAARMRTFMYWPSSVPVQPEQLASAGFYYVGRNDDVKCFCCDGGLRCWE
SGDDPWVEHAKWFPRCEFLIRMKGQEFVDEIQGRY
;
_entity_poly.pdbx_strand_id   A,B
#
# COMPACT_ATOMS: atom_id res chain seq x y z
N ASN A 26 4.16 3.44 -9.56
CA ASN A 26 3.50 3.71 -8.25
C ASN A 26 4.43 4.32 -7.20
N LEU A 27 5.66 3.82 -7.15
CA LEU A 27 6.69 4.40 -6.27
C LEU A 27 7.05 5.81 -6.76
N SER A 28 7.04 5.97 -8.08
CA SER A 28 7.31 7.25 -8.69
C SER A 28 6.14 8.25 -8.56
N MET A 29 5.08 7.88 -7.81
CA MET A 29 3.89 8.76 -7.63
C MET A 29 3.78 9.32 -6.20
N GLN A 30 4.86 9.20 -5.45
CA GLN A 30 4.87 9.63 -4.07
C GLN A 30 4.95 11.16 -3.97
N THR A 31 5.38 11.85 -5.05
CA THR A 31 5.41 13.33 -5.00
C THR A 31 4.25 14.00 -5.72
N HIS A 32 3.86 15.18 -5.23
CA HIS A 32 2.76 15.92 -5.81
C HIS A 32 3.05 16.23 -7.29
N ALA A 33 4.25 16.73 -7.56
CA ALA A 33 4.63 17.10 -8.94
C ALA A 33 4.57 15.90 -9.89
N ALA A 34 4.96 14.72 -9.41
CA ALA A 34 4.93 13.54 -10.27
C ALA A 34 3.49 13.12 -10.60
N ARG A 35 2.62 13.15 -9.59
CA ARG A 35 1.20 12.88 -9.84
C ARG A 35 0.60 13.92 -10.83
N MET A 36 0.93 15.19 -10.64
CA MET A 36 0.47 16.23 -11.57
C MET A 36 0.83 15.94 -13.02
N ARG A 37 2.07 15.50 -13.27
CA ARG A 37 2.52 15.21 -14.64
C ARG A 37 1.69 14.13 -15.33
N THR A 38 1.10 13.20 -14.56
CA THR A 38 0.23 12.16 -15.17
C THR A 38 -1.02 12.71 -15.82
N PHE A 39 -1.38 13.95 -15.48
CA PHE A 39 -2.63 14.53 -16.00
C PHE A 39 -2.46 15.30 -17.30
N MET A 40 -1.32 15.09 -17.97
CA MET A 40 -1.02 15.67 -19.27
C MET A 40 -2.20 15.51 -20.26
N TYR A 41 -2.74 14.30 -20.36
CA TYR A 41 -3.85 13.96 -21.29
C TYR A 41 -5.20 13.72 -20.59
N TRP A 42 -5.38 14.34 -19.41
CA TRP A 42 -6.64 14.35 -18.68
C TRP A 42 -7.72 15.08 -19.48
N PRO A 43 -8.89 14.46 -19.68
CA PRO A 43 -9.91 15.14 -20.51
C PRO A 43 -10.41 16.42 -19.84
N SER A 44 -10.37 17.53 -20.57
CA SER A 44 -10.81 18.83 -20.03
C SER A 44 -12.31 18.89 -19.63
N SER A 45 -13.14 18.01 -20.19
CA SER A 45 -14.56 17.99 -19.82
C SER A 45 -14.88 17.36 -18.46
N VAL A 46 -13.95 16.62 -17.84
CA VAL A 46 -14.20 16.08 -16.48
C VAL A 46 -14.33 17.26 -15.51
N PRO A 47 -15.42 17.30 -14.70
CA PRO A 47 -15.63 18.46 -13.85
C PRO A 47 -14.83 18.45 -12.53
N VAL A 48 -13.67 17.80 -12.52
CA VAL A 48 -12.74 17.83 -11.39
C VAL A 48 -11.32 18.09 -11.94
N GLN A 49 -10.58 19.01 -11.30
CA GLN A 49 -9.28 19.47 -11.80
C GLN A 49 -8.13 18.59 -11.32
N PRO A 50 -7.09 18.44 -12.15
CA PRO A 50 -5.87 17.73 -11.78
C PRO A 50 -5.32 18.15 -10.41
N GLU A 51 -5.21 19.45 -10.18
CA GLU A 51 -4.66 19.98 -8.91
C GLU A 51 -5.35 19.42 -7.65
N GLN A 52 -6.68 19.42 -7.65
CA GLN A 52 -7.48 18.87 -6.53
C GLN A 52 -7.20 17.36 -6.36
N LEU A 53 -7.11 16.65 -7.49
CA LEU A 53 -6.90 15.21 -7.49
C LEU A 53 -5.51 14.84 -6.98
N ALA A 54 -4.48 15.48 -7.51
CA ALA A 54 -3.10 15.19 -7.10
C ALA A 54 -2.85 15.51 -5.62
N SER A 55 -3.43 16.62 -5.14
CA SER A 55 -3.34 17.02 -3.75
C SER A 55 -3.94 15.94 -2.83
N ALA A 56 -4.95 15.23 -3.31
CA ALA A 56 -5.58 14.16 -2.52
C ALA A 56 -4.91 12.79 -2.70
N GLY A 57 -3.74 12.76 -3.34
CA GLY A 57 -2.95 11.54 -3.50
C GLY A 57 -3.18 10.78 -4.80
N PHE A 58 -4.00 11.31 -5.68
CA PHE A 58 -4.38 10.60 -6.90
C PHE A 58 -3.53 10.97 -8.12
N TYR A 59 -3.31 9.96 -8.96
CA TYR A 59 -2.66 10.19 -10.28
C TYR A 59 -3.53 9.53 -11.36
N TYR A 60 -3.39 10.02 -12.59
CA TYR A 60 -4.18 9.55 -13.73
C TYR A 60 -3.59 8.28 -14.30
N VAL A 61 -4.41 7.24 -14.43
CA VAL A 61 -3.92 5.97 -15.01
C VAL A 61 -3.94 5.98 -16.54
N GLY A 62 -4.54 7.02 -17.14
CA GLY A 62 -4.45 7.19 -18.58
C GLY A 62 -5.64 6.66 -19.37
N ARG A 63 -6.70 6.24 -18.69
CA ARG A 63 -7.92 5.88 -19.42
C ARG A 63 -9.13 6.53 -18.80
N ASN A 64 -10.00 7.07 -19.68
CA ASN A 64 -11.23 7.73 -19.26
C ASN A 64 -10.93 8.75 -18.14
N ASP A 65 -11.57 8.64 -16.99
CA ASP A 65 -11.21 9.48 -15.85
C ASP A 65 -10.78 8.69 -14.63
N ASP A 66 -10.18 7.52 -14.86
CA ASP A 66 -9.72 6.65 -13.80
C ASP A 66 -8.48 7.25 -13.13
N VAL A 67 -8.52 7.36 -11.80
CA VAL A 67 -7.33 7.76 -11.03
C VAL A 67 -7.10 6.73 -9.93
N LYS A 68 -5.85 6.65 -9.45
CA LYS A 68 -5.52 5.79 -8.32
C LYS A 68 -4.71 6.53 -7.24
N CYS A 69 -4.85 6.10 -5.99
CA CYS A 69 -4.04 6.71 -4.93
C CYS A 69 -2.70 6.03 -4.89
N PHE A 70 -1.65 6.85 -4.83
CA PHE A 70 -0.27 6.34 -4.76
C PHE A 70 0.00 5.47 -3.51
N CYS A 71 -0.70 5.76 -2.43
CA CYS A 71 -0.48 5.10 -1.16
C CYS A 71 -1.30 3.80 -1.01
N CYS A 72 -2.63 3.90 -1.08
CA CYS A 72 -3.49 2.75 -0.77
C CYS A 72 -3.89 1.96 -2.03
N ASP A 73 -3.55 2.50 -3.20
CA ASP A 73 -3.89 1.91 -4.50
C ASP A 73 -5.40 1.90 -4.77
N GLY A 74 -6.17 2.72 -4.03
CA GLY A 74 -7.60 2.86 -4.24
C GLY A 74 -7.84 3.54 -5.58
N GLY A 75 -8.77 3.00 -6.39
CA GLY A 75 -9.08 3.61 -7.69
C GLY A 75 -10.44 4.28 -7.65
N LEU A 76 -10.54 5.46 -8.25
CA LEU A 76 -11.82 6.19 -8.35
C LEU A 76 -12.06 6.63 -9.80
N ARG A 77 -13.31 6.73 -10.17
CA ARG A 77 -13.65 7.11 -11.53
C ARG A 77 -15.05 7.68 -11.48
N CYS A 78 -15.55 8.11 -12.64
CA CYS A 78 -16.88 8.71 -12.78
C CYS A 78 -17.05 9.92 -11.90
N TRP A 79 -16.06 10.81 -11.95
CA TRP A 79 -16.11 12.08 -11.23
C TRP A 79 -17.32 12.92 -11.64
N GLU A 80 -17.98 13.48 -10.62
CA GLU A 80 -19.17 14.28 -10.78
C GLU A 80 -18.89 15.72 -10.42
N SER A 81 -19.66 16.63 -11.00
CA SER A 81 -19.60 18.03 -10.61
C SER A 81 -19.88 18.14 -9.11
N GLY A 82 -19.03 18.89 -8.39
CA GLY A 82 -19.23 19.04 -6.95
C GLY A 82 -18.44 18.05 -6.08
N ASP A 83 -17.83 17.04 -6.70
CA ASP A 83 -17.04 16.04 -5.96
C ASP A 83 -15.84 16.71 -5.31
N ASP A 84 -15.54 16.28 -4.09
CA ASP A 84 -14.33 16.70 -3.41
C ASP A 84 -13.45 15.45 -3.25
N PRO A 85 -12.29 15.41 -3.92
CA PRO A 85 -11.43 14.22 -3.91
C PRO A 85 -11.06 13.75 -2.49
N TRP A 86 -10.88 14.67 -1.53
CA TRP A 86 -10.55 14.21 -0.14
C TRP A 86 -11.73 13.53 0.52
N VAL A 87 -12.94 14.02 0.22
CA VAL A 87 -14.14 13.39 0.77
C VAL A 87 -14.31 12.00 0.15
N GLU A 88 -14.18 11.92 -1.18
CA GLU A 88 -14.29 10.64 -1.88
C GLU A 88 -13.23 9.65 -1.40
N HIS A 89 -12.01 10.13 -1.18
CA HIS A 89 -10.93 9.27 -0.64
C HIS A 89 -11.33 8.61 0.69
N ALA A 90 -11.86 9.44 1.61
CA ALA A 90 -12.31 9.01 2.93
C ALA A 90 -13.59 8.17 2.90
N LYS A 91 -14.47 8.45 1.95
CA LYS A 91 -15.69 7.68 1.81
C LYS A 91 -15.37 6.22 1.44
N TRP A 92 -14.47 6.05 0.47
CA TRP A 92 -14.21 4.72 -0.10
C TRP A 92 -12.99 4.00 0.46
N PHE A 93 -11.97 4.76 0.87
CA PHE A 93 -10.69 4.17 1.38
C PHE A 93 -10.28 4.75 2.75
N PRO A 94 -11.13 4.53 3.79
CA PRO A 94 -10.93 5.23 5.04
C PRO A 94 -9.67 4.82 5.82
N ARG A 95 -9.09 3.65 5.52
CA ARG A 95 -7.86 3.18 6.20
C ARG A 95 -6.55 3.68 5.55
N CYS A 96 -6.64 4.47 4.49
CA CYS A 96 -5.46 4.92 3.77
C CYS A 96 -4.57 5.76 4.71
N GLU A 97 -3.32 5.35 4.88
CA GLU A 97 -2.40 6.08 5.76
C GLU A 97 -2.05 7.51 5.30
N PHE A 98 -1.90 7.72 4.00
CA PHE A 98 -1.66 9.11 3.48
C PHE A 98 -2.84 10.00 3.84
N LEU A 99 -4.05 9.49 3.61
CA LEU A 99 -5.30 10.22 3.95
C LEU A 99 -5.34 10.58 5.44
N ILE A 100 -5.11 9.58 6.28
CA ILE A 100 -5.04 9.78 7.72
C ILE A 100 -3.98 10.82 8.14
N ARG A 101 -2.77 10.69 7.61
CA ARG A 101 -1.74 11.68 7.94
C ARG A 101 -2.04 13.13 7.47
N MET A 102 -2.70 13.29 6.35
CA MET A 102 -3.05 14.64 5.85
C MET A 102 -4.26 15.27 6.52
N LYS A 103 -5.29 14.48 6.75
CA LYS A 103 -6.60 15.01 7.16
C LYS A 103 -6.97 14.61 8.57
N GLY A 104 -6.35 13.54 9.04
CA GLY A 104 -6.55 13.09 10.41
C GLY A 104 -7.70 12.12 10.55
N GLN A 105 -7.58 11.26 11.55
CA GLN A 105 -8.61 10.24 11.83
C GLN A 105 -10.02 10.83 12.09
N GLU A 106 -10.08 12.00 12.71
CA GLU A 106 -11.34 12.64 13.03
C GLU A 106 -12.14 12.99 11.78
N PHE A 107 -11.45 13.53 10.78
CA PHE A 107 -12.07 13.82 9.47
C PHE A 107 -12.62 12.53 8.87
N VAL A 108 -11.80 11.49 8.83
CA VAL A 108 -12.23 10.20 8.28
C VAL A 108 -13.49 9.66 9.03
N ASP A 109 -13.43 9.60 10.36
CA ASP A 109 -14.58 9.13 11.16
C ASP A 109 -15.88 9.87 10.81
N GLU A 110 -15.78 11.18 10.67
CA GLU A 110 -16.94 11.98 10.33
C GLU A 110 -17.53 11.64 8.97
N ILE A 111 -16.66 11.43 7.98
CA ILE A 111 -17.11 11.06 6.63
C ILE A 111 -17.76 9.67 6.70
N GLN A 112 -17.25 8.82 7.58
CA GLN A 112 -17.83 7.50 7.75
C GLN A 112 -19.11 7.51 8.60
N GLY A 113 -19.53 8.68 9.06
CA GLY A 113 -20.76 8.81 9.86
C GLY A 113 -20.59 8.31 11.29
N ARG A 114 -19.36 8.38 11.78
CA ARG A 114 -19.03 8.07 13.19
C ARG A 114 -18.74 9.39 13.85
N TYR A 115 -19.49 9.70 14.88
CA TYR A 115 -19.36 10.95 15.57
C TYR A 115 -18.95 10.66 17.03
N SER B 22 5.72 -15.62 -15.27
CA SER B 22 6.40 -15.53 -13.93
C SER B 22 5.41 -15.66 -12.75
N SER B 23 5.75 -16.46 -11.76
CA SER B 23 4.86 -16.64 -10.60
C SER B 23 4.86 -15.46 -9.59
N ILE B 24 5.79 -14.52 -9.73
CA ILE B 24 5.91 -13.43 -8.74
C ILE B 24 4.59 -12.63 -8.73
N SER B 25 4.02 -12.42 -7.54
N SER B 25 4.03 -12.40 -7.54
CA SER B 25 2.75 -11.72 -7.43
CA SER B 25 2.74 -11.71 -7.39
C SER B 25 2.88 -10.23 -7.76
C SER B 25 2.81 -10.21 -7.66
N ASN B 26 3.90 -9.56 -7.21
CA ASN B 26 4.08 -8.13 -7.48
C ASN B 26 5.48 -7.86 -8.00
N LEU B 27 5.58 -7.76 -9.32
CA LEU B 27 6.86 -7.56 -10.00
C LEU B 27 7.58 -6.28 -9.58
N SER B 28 6.83 -5.22 -9.32
CA SER B 28 7.44 -3.94 -8.97
C SER B 28 8.11 -3.96 -7.58
N MET B 29 7.85 -5.03 -6.82
CA MET B 29 8.32 -5.14 -5.44
C MET B 29 9.39 -6.23 -5.29
N GLN B 30 9.99 -6.63 -6.41
CA GLN B 30 10.96 -7.72 -6.37
C GLN B 30 12.31 -7.32 -5.75
N THR B 31 12.65 -6.03 -5.76
CA THR B 31 13.92 -5.60 -5.15
C THR B 31 13.73 -5.11 -3.70
N HIS B 32 14.77 -5.31 -2.89
CA HIS B 32 14.76 -4.84 -1.49
C HIS B 32 14.54 -3.34 -1.41
N ALA B 33 15.18 -2.58 -2.30
CA ALA B 33 15.04 -1.13 -2.34
C ALA B 33 13.60 -0.69 -2.63
N ALA B 34 12.94 -1.35 -3.58
CA ALA B 34 11.55 -0.97 -3.88
C ALA B 34 10.66 -1.28 -2.70
N ARG B 35 10.94 -2.37 -1.98
CA ARG B 35 10.11 -2.72 -0.82
C ARG B 35 10.33 -1.68 0.29
N MET B 36 11.58 -1.28 0.49
CA MET B 36 11.89 -0.27 1.51
C MET B 36 11.15 1.02 1.27
N ARG B 37 11.05 1.44 0.02
CA ARG B 37 10.37 2.70 -0.31
C ARG B 37 8.88 2.77 0.04
N THR B 38 8.21 1.62 0.10
CA THR B 38 6.79 1.54 0.51
C THR B 38 6.58 1.88 1.98
N PHE B 39 7.64 1.74 2.78
CA PHE B 39 7.59 2.05 4.22
C PHE B 39 7.73 3.54 4.59
N MET B 40 7.75 4.43 3.60
CA MET B 40 7.79 5.86 3.90
C MET B 40 6.69 6.32 4.86
N TYR B 41 5.47 5.80 4.69
CA TYR B 41 4.35 6.16 5.58
C TYR B 41 4.08 5.16 6.73
N TRP B 42 4.95 4.16 6.89
CA TRP B 42 4.83 3.16 7.96
C TRP B 42 4.77 3.87 9.31
N PRO B 43 3.75 3.57 10.14
CA PRO B 43 3.64 4.23 11.44
C PRO B 43 4.82 3.84 12.35
N SER B 44 5.49 4.83 12.95
CA SER B 44 6.69 4.53 13.74
C SER B 44 6.35 3.91 15.10
N SER B 45 5.07 3.92 15.46
CA SER B 45 4.60 3.22 16.65
C SER B 45 4.64 1.68 16.53
N VAL B 46 4.65 1.16 15.30
CA VAL B 46 4.67 -0.29 15.11
C VAL B 46 6.03 -0.82 15.58
N PRO B 47 6.04 -1.84 16.46
CA PRO B 47 7.33 -2.28 17.02
C PRO B 47 8.32 -2.99 16.03
N VAL B 48 7.81 -3.52 14.91
CA VAL B 48 8.67 -4.15 13.91
C VAL B 48 9.11 -3.14 12.83
N GLN B 49 10.39 -3.18 12.48
CA GLN B 49 11.04 -2.17 11.62
C GLN B 49 10.93 -2.50 10.14
N PRO B 50 10.86 -1.47 9.26
CA PRO B 50 10.78 -1.72 7.81
C PRO B 50 11.91 -2.61 7.30
N GLU B 51 13.14 -2.41 7.77
CA GLU B 51 14.25 -3.24 7.30
C GLU B 51 14.01 -4.74 7.49
N GLN B 52 13.48 -5.14 8.64
CA GLN B 52 13.25 -6.56 8.94
C GLN B 52 12.15 -7.10 8.03
N LEU B 53 11.12 -6.28 7.78
CA LEU B 53 10.00 -6.69 6.93
C LEU B 53 10.38 -6.83 5.46
N ALA B 54 11.05 -5.79 4.94
CA ALA B 54 11.50 -5.81 3.54
C ALA B 54 12.48 -6.96 3.24
N SER B 55 13.39 -7.22 4.17
CA SER B 55 14.33 -8.34 4.06
C SER B 55 13.61 -9.67 3.89
N ALA B 56 12.46 -9.81 4.56
CA ALA B 56 11.70 -11.04 4.51
C ALA B 56 10.66 -11.05 3.36
N GLY B 57 10.79 -10.14 2.40
CA GLY B 57 9.93 -10.10 1.20
C GLY B 57 8.69 -9.26 1.31
N PHE B 58 8.49 -8.60 2.47
CA PHE B 58 7.25 -7.84 2.72
C PHE B 58 7.34 -6.38 2.30
N TYR B 59 6.24 -5.84 1.76
CA TYR B 59 6.10 -4.42 1.46
C TYR B 59 4.78 -3.90 2.09
N TYR B 60 4.72 -2.59 2.36
CA TYR B 60 3.59 -1.94 3.05
C TYR B 60 2.53 -1.67 2.03
N VAL B 61 1.30 -2.05 2.32
CA VAL B 61 0.20 -1.75 1.39
C VAL B 61 -0.51 -0.41 1.60
N GLY B 62 -0.03 0.38 2.56
CA GLY B 62 -0.55 1.75 2.76
C GLY B 62 -1.78 1.85 3.67
N ARG B 63 -2.09 0.79 4.42
CA ARG B 63 -3.22 0.76 5.36
C ARG B 63 -2.78 0.15 6.69
N ASN B 64 -3.01 0.86 7.81
CA ASN B 64 -2.72 0.29 9.15
C ASN B 64 -1.28 -0.24 9.25
N ASP B 65 -1.08 -1.46 9.75
CA ASP B 65 0.24 -2.10 9.63
C ASP B 65 0.24 -3.36 8.72
N ASP B 66 -0.64 -3.33 7.72
CA ASP B 66 -0.79 -4.40 6.70
C ASP B 66 0.38 -4.46 5.71
N VAL B 67 0.99 -5.65 5.59
CA VAL B 67 2.09 -5.90 4.61
C VAL B 67 1.77 -7.15 3.80
N LYS B 68 2.34 -7.26 2.59
CA LYS B 68 2.15 -8.43 1.73
C LYS B 68 3.50 -8.88 1.19
N CYS B 69 3.65 -10.19 0.94
CA CYS B 69 4.88 -10.70 0.28
C CYS B 69 4.83 -10.41 -1.22
N PHE B 70 5.93 -9.91 -1.78
CA PHE B 70 5.98 -9.61 -3.23
C PHE B 70 5.86 -10.91 -4.06
N CYS B 71 6.23 -12.05 -3.46
CA CYS B 71 6.31 -13.30 -4.21
C CYS B 71 4.96 -14.06 -4.10
N CYS B 72 4.55 -14.41 -2.88
CA CYS B 72 3.41 -15.34 -2.64
C CYS B 72 2.09 -14.58 -2.40
N ASP B 73 2.19 -13.28 -2.22
CA ASP B 73 1.02 -12.42 -1.98
C ASP B 73 0.37 -12.68 -0.63
N GLY B 74 1.08 -13.34 0.28
CA GLY B 74 0.56 -13.55 1.62
C GLY B 74 0.60 -12.25 2.42
N GLY B 75 -0.49 -11.97 3.14
CA GLY B 75 -0.63 -10.70 3.91
C GLY B 75 -0.56 -10.91 5.42
N LEU B 76 0.15 -10.01 6.11
CA LEU B 76 0.29 -10.07 7.56
C LEU B 76 0.02 -8.70 8.21
N ARG B 77 -0.48 -8.74 9.44
CA ARG B 77 -0.88 -7.52 10.17
C ARG B 77 -0.80 -7.76 11.67
N CYS B 78 -0.99 -6.69 12.45
CA CYS B 78 -1.02 -6.77 13.93
C CYS B 78 0.31 -7.24 14.49
N TRP B 79 1.37 -6.56 14.00
CA TRP B 79 2.74 -6.88 14.36
C TRP B 79 2.96 -6.54 15.82
N GLU B 80 3.65 -7.43 16.51
CA GLU B 80 3.88 -7.29 17.93
C GLU B 80 5.36 -7.32 18.24
N SER B 81 5.70 -6.74 19.38
CA SER B 81 7.06 -6.70 19.86
C SER B 81 7.65 -8.11 19.89
N GLY B 82 8.83 -8.24 19.30
CA GLY B 82 9.49 -9.54 19.24
C GLY B 82 9.04 -10.46 18.11
N ASP B 83 8.08 -10.02 17.28
CA ASP B 83 7.74 -10.81 16.08
C ASP B 83 8.93 -10.78 15.13
N ASP B 84 9.21 -11.93 14.51
CA ASP B 84 10.25 -12.07 13.49
C ASP B 84 9.51 -12.34 12.17
N PRO B 85 9.62 -11.39 11.21
CA PRO B 85 8.97 -11.55 9.90
C PRO B 85 9.30 -12.86 9.18
N TRP B 86 10.54 -13.35 9.28
CA TRP B 86 10.89 -14.61 8.60
C TRP B 86 10.16 -15.81 9.19
N VAL B 87 10.04 -15.81 10.51
CA VAL B 87 9.30 -16.85 11.19
C VAL B 87 7.82 -16.78 10.83
N GLU B 88 7.25 -15.58 10.81
CA GLU B 88 5.84 -15.43 10.46
C GLU B 88 5.61 -15.86 9.01
N HIS B 89 6.54 -15.50 8.13
CA HIS B 89 6.45 -15.92 6.71
C HIS B 89 6.32 -17.46 6.62
N ALA B 90 7.18 -18.17 7.35
CA ALA B 90 7.23 -19.63 7.35
C ALA B 90 6.03 -20.26 8.06
N LYS B 91 5.52 -19.60 9.11
CA LYS B 91 4.37 -20.09 9.87
C LYS B 91 3.10 -20.13 8.99
N TRP B 92 2.86 -19.06 8.25
CA TRP B 92 1.59 -18.93 7.52
C TRP B 92 1.70 -19.25 6.03
N PHE B 93 2.86 -19.03 5.43
CA PHE B 93 2.97 -19.17 3.96
C PHE B 93 4.16 -20.07 3.57
N PRO B 94 4.19 -21.30 4.12
CA PRO B 94 5.38 -22.17 3.99
C PRO B 94 5.75 -22.56 2.55
N ARG B 95 4.79 -22.50 1.62
CA ARG B 95 5.09 -22.88 0.23
C ARG B 95 5.60 -21.75 -0.65
N CYS B 96 5.83 -20.58 -0.06
CA CYS B 96 6.34 -19.41 -0.80
C CYS B 96 7.73 -19.67 -1.38
N GLU B 97 7.90 -19.49 -2.69
CA GLU B 97 9.19 -19.83 -3.35
C GLU B 97 10.35 -18.94 -2.86
N PHE B 98 10.07 -17.64 -2.64
CA PHE B 98 11.07 -16.71 -2.11
C PHE B 98 11.56 -17.15 -0.73
N LEU B 99 10.62 -17.47 0.15
CA LEU B 99 10.95 -17.94 1.47
C LEU B 99 11.86 -19.18 1.38
N ILE B 100 11.46 -20.13 0.55
CA ILE B 100 12.20 -21.40 0.45
C ILE B 100 13.63 -21.17 -0.05
N ARG B 101 13.78 -20.33 -1.07
CA ARG B 101 15.09 -20.10 -1.67
C ARG B 101 16.02 -19.27 -0.78
N MET B 102 15.47 -18.37 0.00
CA MET B 102 16.27 -17.56 0.91
C MET B 102 16.67 -18.31 2.16
N LYS B 103 15.70 -18.98 2.77
CA LYS B 103 15.91 -19.57 4.10
C LYS B 103 16.09 -21.08 4.05
N GLY B 104 15.53 -21.72 3.03
CA GLY B 104 15.76 -23.17 2.82
C GLY B 104 14.60 -23.97 3.38
N GLN B 105 14.34 -25.13 2.78
CA GLN B 105 13.22 -25.98 3.24
C GLN B 105 13.41 -26.46 4.67
N GLU B 106 14.66 -26.65 5.09
CA GLU B 106 14.94 -27.08 6.46
C GLU B 106 14.41 -26.07 7.49
N PHE B 107 14.65 -24.78 7.24
CA PHE B 107 14.10 -23.73 8.10
C PHE B 107 12.55 -23.79 8.13
N VAL B 108 11.94 -23.85 6.96
CA VAL B 108 10.48 -23.88 6.88
C VAL B 108 9.93 -25.10 7.62
N ASP B 109 10.55 -26.27 7.41
CA ASP B 109 10.13 -27.51 8.07
C ASP B 109 10.20 -27.39 9.59
N GLU B 110 11.23 -26.70 10.07
CA GLU B 110 11.42 -26.46 11.50
C GLU B 110 10.29 -25.59 12.09
N ILE B 111 9.97 -24.47 11.42
CA ILE B 111 8.91 -23.60 11.91
C ILE B 111 7.56 -24.32 11.87
N GLN B 112 7.30 -25.02 10.76
CA GLN B 112 6.06 -25.75 10.58
C GLN B 112 5.89 -26.85 11.62
N GLY B 113 7.02 -27.46 12.01
CA GLY B 113 7.05 -28.50 13.06
C GLY B 113 6.59 -28.02 14.42
N ARG B 114 6.61 -26.71 14.64
CA ARG B 114 6.04 -26.12 15.86
C ARG B 114 4.49 -26.15 15.91
N TYR B 115 3.84 -26.37 14.77
CA TYR B 115 2.37 -26.26 14.67
C TYR B 115 1.69 -27.46 14.01
#